data_1QKA
#
_entry.id   1QKA
#
_cell.length_a   109.926
_cell.length_b   75.446
_cell.length_c   70.061
_cell.angle_alpha   90.00
_cell.angle_beta   90.00
_cell.angle_gamma   90.00
#
_symmetry.space_group_name_H-M   'P 21 21 21'
#
loop_
_entity.id
_entity.type
_entity.pdbx_description
1 polymer 'PERIPLASMIC OLIGOPEPTIDE-BINDING PROTEIN'
2 polymer LYS-ARG-LYS
3 non-polymer 'URANYL (VI) ION'
4 water water
#
loop_
_entity_poly.entity_id
_entity_poly.type
_entity_poly.pdbx_seq_one_letter_code
_entity_poly.pdbx_strand_id
1 'polypeptide(L)'
;ADVPAGVQLADKQTLVRNNGSEVQSLDPHKIEGVPESNVSRDLFEGLLISDVEGHPSPGVAEKWENKDFKVWTFHLRENA
KWSDGTPVTAHDFVYSWQRLADPNTASPYASYLQYGHIANIDDIIAGKKPATDLGVKALDDHTFEVTLSEPVPYFYKLLV
HPSVSPVPKSAVEKFGDKWTQPANIVTNGAYKLKNWVVNERIVLERNPQYWDNAKTVINQVTYLPISSEVTDVNRYRSGE
IDMTYNNMPIELFQKLKKEIPNEVRVDPYLCTYYYEINNQKAPFNDVRVRTALKLALDRDIIVNKVKNQGDLPAYSYTPP
YTDGAKLVEPEWFKWSQQKRNEEAKKLLAEAGFTADKPLTFDLLYNTSDLHKKLAIAVASIWKKNLGVNVNLENQEWKTF
LDTRHQGTFDVARAGWCADYNEPTSFLNTMLSDSSNNTAHYKSPAFDKLIADTLKVADDTQRSELYAKAEQQLDKDSAIV
PVYYYVNARLVKPWVGGYTGKDPLDNIYVKNLYIIKH
;
A
2 'polypeptide(L)' KRK B
#
# COMPACT_ATOMS: atom_id res chain seq x y z
N ALA A 1 23.37 0.94 5.29
CA ALA A 1 23.58 2.08 4.34
C ALA A 1 24.96 1.95 3.68
N ASP A 2 25.10 2.39 2.44
CA ASP A 2 26.44 2.38 1.81
C ASP A 2 26.86 3.83 1.59
N VAL A 3 27.62 4.39 2.53
CA VAL A 3 28.06 5.80 2.40
C VAL A 3 29.18 5.94 1.38
N PRO A 4 28.97 6.75 0.34
CA PRO A 4 29.98 6.96 -0.70
C PRO A 4 31.30 7.49 -0.14
N ALA A 5 32.42 7.04 -0.74
CA ALA A 5 33.73 7.50 -0.30
C ALA A 5 33.76 9.03 -0.39
N GLY A 6 34.41 9.69 0.58
CA GLY A 6 34.49 11.15 0.49
C GLY A 6 33.34 11.87 1.17
N VAL A 7 32.18 11.24 1.34
CA VAL A 7 31.10 11.92 2.05
C VAL A 7 31.47 12.14 3.50
N GLN A 8 31.27 13.35 4.01
CA GLN A 8 31.49 13.57 5.43
C GLN A 8 30.16 13.37 6.19
N LEU A 9 30.13 12.49 7.16
CA LEU A 9 28.90 12.28 7.92
C LEU A 9 28.71 13.30 9.04
N ALA A 10 27.45 13.60 9.31
CA ALA A 10 27.15 14.49 10.44
C ALA A 10 27.48 13.74 11.74
N ASP A 11 27.80 14.51 12.77
CA ASP A 11 28.08 13.90 14.07
C ASP A 11 26.82 13.22 14.63
N LYS A 12 25.67 13.86 14.52
CA LYS A 12 24.44 13.30 15.04
C LYS A 12 23.66 12.68 13.88
N GLN A 13 23.52 11.36 13.96
CA GLN A 13 22.81 10.63 12.89
C GLN A 13 21.39 10.35 13.34
N THR A 14 20.55 11.39 13.25
CA THR A 14 19.14 11.25 13.63
C THR A 14 18.29 11.79 12.48
N LEU A 15 17.09 11.22 12.38
CA LEU A 15 16.21 11.56 11.27
C LEU A 15 14.80 11.73 11.80
N VAL A 16 14.07 12.67 11.21
CA VAL A 16 12.68 12.91 11.53
C VAL A 16 11.91 12.83 10.21
N ARG A 17 10.94 11.90 10.16
CA ARG A 17 10.11 11.77 8.97
C ARG A 17 8.67 12.01 9.33
N ASN A 18 7.92 12.72 8.47
CA ASN A 18 6.48 12.80 8.73
C ASN A 18 5.89 11.49 8.14
N ASN A 19 4.81 10.99 8.74
CA ASN A 19 4.28 9.69 8.32
C ASN A 19 2.78 9.75 8.05
N GLY A 20 2.27 10.96 7.81
CA GLY A 20 0.90 11.17 7.37
C GLY A 20 -0.22 11.04 8.37
N SER A 21 -0.16 10.07 9.26
CA SER A 21 -1.18 9.82 10.23
C SER A 21 -0.73 8.91 11.36
N GLU A 22 -1.60 8.77 12.36
CA GLU A 22 -1.31 7.81 13.43
C GLU A 22 -1.47 6.41 12.81
N VAL A 23 -0.57 5.48 13.10
CA VAL A 23 -0.67 4.17 12.47
C VAL A 23 -1.84 3.35 13.01
N GLN A 24 -2.33 2.44 12.20
CA GLN A 24 -3.39 1.53 12.65
C GLN A 24 -2.85 0.68 13.81
N SER A 25 -1.58 0.28 13.65
CA SER A 25 -1.02 -0.69 14.60
C SER A 25 0.45 -0.87 14.28
N LEU A 26 1.22 -1.49 15.18
CA LEU A 26 2.60 -1.86 14.86
C LEU A 26 2.69 -3.39 14.68
N ASP A 27 1.59 -4.09 14.76
CA ASP A 27 1.50 -5.53 14.53
C ASP A 27 1.39 -5.79 13.05
N PRO A 28 2.39 -6.44 12.45
CA PRO A 28 2.41 -6.73 11.03
C PRO A 28 1.20 -7.42 10.46
N HIS A 29 0.42 -8.16 11.25
CA HIS A 29 -0.77 -8.83 10.77
C HIS A 29 -2.02 -7.98 10.91
N LYS A 30 -1.93 -6.80 11.46
CA LYS A 30 -3.13 -5.97 11.65
C LYS A 30 -3.08 -4.70 10.79
N ILE A 31 -2.13 -4.59 9.88
CA ILE A 31 -1.96 -3.33 9.14
C ILE A 31 -2.25 -3.46 7.66
N GLU A 32 -2.59 -2.32 7.04
CA GLU A 32 -2.89 -2.41 5.59
C GLU A 32 -2.36 -1.22 4.84
N GLY A 33 -1.82 -0.21 5.54
CA GLY A 33 -1.47 1.01 4.76
C GLY A 33 -0.01 1.40 4.68
N VAL A 34 0.22 2.50 3.94
CA VAL A 34 1.56 3.06 3.78
C VAL A 34 2.20 3.59 5.04
N PRO A 35 1.50 4.39 5.86
CA PRO A 35 2.02 4.88 7.13
C PRO A 35 2.42 3.69 8.00
N GLU A 36 1.60 2.63 7.97
CA GLU A 36 1.91 1.45 8.79
C GLU A 36 3.14 0.72 8.25
N SER A 37 3.19 0.59 6.93
CA SER A 37 4.31 -0.16 6.34
C SER A 37 5.61 0.58 6.50
N ASN A 38 5.54 1.93 6.49
CA ASN A 38 6.73 2.75 6.62
C ASN A 38 7.47 2.42 7.92
N VAL A 39 6.72 2.33 9.02
CA VAL A 39 7.35 2.01 10.30
C VAL A 39 7.68 0.51 10.32
N SER A 40 6.78 -0.33 9.83
CA SER A 40 7.03 -1.79 9.85
C SER A 40 8.35 -2.20 9.22
N ARG A 41 8.76 -1.60 8.10
CA ARG A 41 10.02 -1.98 7.46
C ARG A 41 11.24 -1.73 8.37
N ASP A 42 11.23 -0.74 9.23
CA ASP A 42 12.34 -0.48 10.14
C ASP A 42 12.34 -1.47 11.31
N LEU A 43 11.18 -2.03 11.65
CA LEU A 43 11.11 -2.91 12.80
C LEU A 43 11.10 -4.40 12.54
N PHE A 44 10.42 -4.86 11.49
CA PHE A 44 10.26 -6.29 11.24
C PHE A 44 10.81 -6.62 9.84
N GLU A 45 11.65 -7.66 9.81
CA GLU A 45 12.26 -8.04 8.54
C GLU A 45 11.90 -9.47 8.14
N GLY A 46 11.35 -9.59 6.93
CA GLY A 46 10.93 -10.88 6.39
C GLY A 46 12.05 -11.62 5.66
N LEU A 47 11.64 -12.56 4.82
CA LEU A 47 12.57 -13.43 4.10
C LEU A 47 13.47 -12.61 3.18
N LEU A 48 12.87 -11.73 2.42
CA LEU A 48 13.59 -10.84 1.50
C LEU A 48 13.25 -9.39 1.87
N ILE A 49 14.06 -8.43 1.44
CA ILE A 49 13.77 -7.00 1.61
C ILE A 49 14.06 -6.34 0.26
N SER A 50 13.62 -5.09 0.04
CA SER A 50 13.98 -4.37 -1.16
C SER A 50 15.36 -3.74 -0.95
N ASP A 51 16.21 -3.69 -1.97
CA ASP A 51 17.47 -2.96 -1.78
C ASP A 51 17.12 -1.48 -1.90
N VAL A 52 18.13 -0.59 -1.90
CA VAL A 52 17.87 0.83 -2.07
C VAL A 52 17.21 1.23 -3.38
N GLU A 53 17.21 0.42 -4.42
CA GLU A 53 16.54 0.74 -5.68
C GLU A 53 15.23 -0.03 -5.81
N GLY A 54 14.84 -0.82 -4.80
CA GLY A 54 13.59 -1.54 -4.86
C GLY A 54 13.67 -2.99 -5.30
N HIS A 55 14.84 -3.52 -5.65
CA HIS A 55 14.88 -4.91 -6.13
C HIS A 55 14.74 -5.87 -4.93
N PRO A 56 14.02 -6.94 -5.10
CA PRO A 56 13.92 -7.97 -4.04
C PRO A 56 15.31 -8.46 -3.76
N SER A 57 15.72 -8.55 -2.51
CA SER A 57 17.08 -8.92 -2.15
C SER A 57 17.03 -9.67 -0.83
N PRO A 58 18.18 -10.22 -0.42
CA PRO A 58 18.21 -11.03 0.79
C PRO A 58 17.79 -10.29 2.05
N GLY A 59 16.93 -10.92 2.83
CA GLY A 59 16.50 -10.34 4.13
C GLY A 59 16.99 -11.34 5.18
N VAL A 60 16.09 -11.96 5.97
CA VAL A 60 16.50 -13.03 6.87
C VAL A 60 17.03 -14.21 6.05
N ALA A 61 16.44 -14.43 4.87
CA ALA A 61 16.93 -15.46 3.96
C ALA A 61 18.13 -14.95 3.17
N GLU A 62 19.22 -15.73 3.24
CA GLU A 62 20.43 -15.25 2.52
C GLU A 62 20.45 -15.84 1.12
N LYS A 63 19.77 -16.96 0.96
CA LYS A 63 19.63 -17.59 -0.36
C LYS A 63 18.40 -18.48 -0.42
N TRP A 64 17.92 -18.70 -1.63
CA TRP A 64 16.70 -19.47 -1.83
C TRP A 64 16.70 -20.13 -3.20
N GLU A 65 15.92 -21.20 -3.32
CA GLU A 65 15.78 -21.94 -4.56
C GLU A 65 14.29 -22.27 -4.75
N ASN A 66 13.90 -22.66 -5.96
CA ASN A 66 12.54 -23.11 -6.17
C ASN A 66 12.54 -24.36 -7.04
N LYS A 67 11.60 -25.24 -6.79
CA LYS A 67 11.38 -26.42 -7.64
C LYS A 67 10.07 -26.16 -8.40
N ASP A 68 10.16 -25.98 -9.71
CA ASP A 68 9.00 -25.80 -10.55
C ASP A 68 8.12 -24.59 -10.20
N PHE A 69 8.69 -23.61 -9.49
CA PHE A 69 7.98 -22.44 -9.00
C PHE A 69 6.90 -22.83 -8.02
N LYS A 70 6.94 -24.03 -7.44
CA LYS A 70 5.91 -24.52 -6.54
C LYS A 70 6.44 -24.79 -5.15
N VAL A 71 7.69 -25.25 -5.02
CA VAL A 71 8.22 -25.45 -3.68
C VAL A 71 9.40 -24.51 -3.53
N TRP A 72 9.27 -23.55 -2.61
CA TRP A 72 10.32 -22.55 -2.39
C TRP A 72 11.06 -22.80 -1.11
N THR A 73 12.39 -22.88 -1.20
CA THR A 73 13.22 -23.20 -0.03
C THR A 73 14.14 -22.03 0.31
N PHE A 74 13.94 -21.50 1.51
CA PHE A 74 14.68 -20.33 1.96
C PHE A 74 15.70 -20.70 3.03
N HIS A 75 16.94 -20.38 2.76
CA HIS A 75 18.05 -20.65 3.69
C HIS A 75 18.30 -19.40 4.52
N LEU A 76 17.93 -19.46 5.81
CA LEU A 76 18.01 -18.32 6.68
C LEU A 76 19.41 -18.11 7.24
N ARG A 77 19.87 -16.85 7.28
CA ARG A 77 21.22 -16.58 7.80
C ARG A 77 21.30 -16.91 9.28
N GLU A 78 22.45 -17.52 9.64
CA GLU A 78 22.67 -18.00 10.99
C GLU A 78 22.77 -16.94 12.05
N ASN A 79 23.08 -15.70 11.71
CA ASN A 79 23.14 -14.64 12.71
C ASN A 79 21.93 -13.72 12.72
N ALA A 80 20.80 -14.12 12.11
CA ALA A 80 19.61 -13.27 12.18
C ALA A 80 19.11 -13.36 13.64
N LYS A 81 18.91 -12.23 14.30
CA LYS A 81 18.46 -12.21 15.68
C LYS A 81 17.36 -11.18 15.95
N TRP A 82 16.55 -11.44 16.96
CA TRP A 82 15.57 -10.50 17.46
C TRP A 82 16.28 -9.50 18.37
N SER A 83 15.60 -8.42 18.76
CA SER A 83 16.19 -7.39 19.61
C SER A 83 16.53 -7.84 21.02
N ASP A 84 15.98 -8.97 21.45
CA ASP A 84 16.35 -9.48 22.79
C ASP A 84 17.53 -10.44 22.70
N GLY A 85 18.13 -10.60 21.54
CA GLY A 85 19.28 -11.46 21.35
C GLY A 85 18.97 -12.88 20.90
N THR A 86 17.72 -13.29 20.92
CA THR A 86 17.36 -14.65 20.50
C THR A 86 17.37 -14.78 18.99
N PRO A 87 17.71 -15.95 18.48
CA PRO A 87 17.78 -16.19 17.04
C PRO A 87 16.43 -16.10 16.36
N VAL A 88 16.43 -15.58 15.15
CA VAL A 88 15.26 -15.63 14.29
C VAL A 88 15.38 -17.00 13.59
N THR A 89 14.34 -17.82 13.65
CA THR A 89 14.44 -19.15 13.01
C THR A 89 13.35 -19.38 12.01
N ALA A 90 13.37 -20.51 11.29
CA ALA A 90 12.26 -20.80 10.39
C ALA A 90 10.99 -21.07 11.20
N HIS A 91 11.08 -21.51 12.46
CA HIS A 91 9.86 -21.75 13.25
C HIS A 91 9.12 -20.40 13.47
N ASP A 92 9.85 -19.30 13.59
CA ASP A 92 9.20 -18.00 13.72
C ASP A 92 8.35 -17.72 12.48
N PHE A 93 8.85 -18.05 11.28
CA PHE A 93 8.11 -17.83 10.05
C PHE A 93 6.90 -18.76 9.99
N VAL A 94 7.08 -20.03 10.39
CA VAL A 94 5.94 -20.95 10.39
C VAL A 94 4.82 -20.40 11.27
N TYR A 95 5.12 -20.03 12.49
CA TYR A 95 4.09 -19.48 13.39
C TYR A 95 3.48 -18.21 12.78
N SER A 96 4.35 -17.33 12.30
CA SER A 96 3.84 -16.05 11.80
C SER A 96 2.89 -16.18 10.62
N TRP A 97 3.27 -16.97 9.61
CA TRP A 97 2.40 -17.15 8.45
C TRP A 97 1.14 -17.92 8.86
N GLN A 98 1.21 -18.79 9.88
CA GLN A 98 -0.03 -19.44 10.31
C GLN A 98 -0.95 -18.42 10.96
N ARG A 99 -0.39 -17.55 11.80
CA ARG A 99 -1.16 -16.53 12.48
C ARG A 99 -1.80 -15.58 11.44
N LEU A 100 -1.05 -15.25 10.39
CA LEU A 100 -1.65 -14.40 9.36
C LEU A 100 -2.85 -15.05 8.67
N ALA A 101 -2.78 -16.36 8.43
CA ALA A 101 -3.83 -17.14 7.80
C ALA A 101 -5.08 -17.37 8.64
N ASP A 102 -4.90 -17.42 9.94
CA ASP A 102 -5.93 -17.73 10.91
C ASP A 102 -6.99 -16.65 10.97
N PRO A 103 -8.22 -17.05 10.67
CA PRO A 103 -9.37 -16.16 10.68
C PRO A 103 -9.54 -15.46 12.00
N ASN A 104 -9.11 -16.06 13.12
CA ASN A 104 -9.23 -15.36 14.39
C ASN A 104 -8.34 -14.12 14.47
N THR A 105 -7.27 -14.06 13.70
CA THR A 105 -6.42 -12.87 13.66
C THR A 105 -7.11 -11.74 12.88
N ALA A 106 -8.05 -12.09 12.01
CA ALA A 106 -8.76 -11.13 11.18
C ALA A 106 -7.85 -10.14 10.49
N SER A 107 -6.76 -10.63 9.89
CA SER A 107 -5.84 -9.71 9.22
C SER A 107 -6.47 -9.16 7.96
N PRO A 108 -6.30 -7.86 7.69
CA PRO A 108 -6.73 -7.30 6.41
C PRO A 108 -5.93 -7.92 5.26
N TYR A 109 -4.75 -8.49 5.55
CA TYR A 109 -3.89 -9.11 4.58
C TYR A 109 -3.89 -10.64 4.67
N ALA A 110 -4.93 -11.22 5.30
CA ALA A 110 -5.02 -12.70 5.24
C ALA A 110 -4.95 -13.23 3.82
N SER A 111 -5.55 -12.57 2.83
CA SER A 111 -5.52 -13.00 1.45
C SER A 111 -4.18 -12.85 0.75
N TYR A 112 -3.22 -12.21 1.39
CA TYR A 112 -1.87 -12.16 0.78
C TYR A 112 -1.38 -13.60 0.58
N LEU A 113 -1.76 -14.53 1.48
CA LEU A 113 -1.32 -15.92 1.30
C LEU A 113 -2.10 -16.58 0.17
N GLN A 114 -3.29 -16.11 -0.21
CA GLN A 114 -4.00 -16.61 -1.38
C GLN A 114 -3.33 -16.07 -2.63
N TYR A 115 -2.82 -14.83 -2.56
CA TYR A 115 -2.16 -14.23 -3.73
C TYR A 115 -0.91 -15.00 -4.12
N GLY A 116 -0.23 -15.54 -3.12
CA GLY A 116 0.96 -16.37 -3.31
C GLY A 116 0.58 -17.83 -3.49
N HIS A 117 -0.67 -18.20 -3.28
CA HIS A 117 -1.16 -19.56 -3.44
C HIS A 117 -0.53 -20.62 -2.53
N ILE A 118 -0.29 -20.25 -1.29
CA ILE A 118 0.30 -21.20 -0.34
C ILE A 118 -0.72 -22.32 -0.17
N ALA A 119 -0.24 -23.56 -0.10
CA ALA A 119 -1.21 -24.67 -0.03
C ALA A 119 -2.09 -24.58 1.19
N ASN A 120 -3.36 -24.93 0.98
CA ASN A 120 -4.46 -25.00 1.91
C ASN A 120 -4.97 -23.66 2.41
N ILE A 121 -4.53 -22.53 1.83
CA ILE A 121 -4.99 -21.25 2.38
C ILE A 121 -6.49 -21.01 2.25
N ASP A 122 -7.12 -21.39 1.14
CA ASP A 122 -8.56 -21.15 0.97
C ASP A 122 -9.36 -21.81 2.08
N ASP A 123 -9.07 -23.08 2.39
CA ASP A 123 -9.74 -23.79 3.46
C ASP A 123 -9.47 -23.24 4.85
N ILE A 124 -8.26 -22.71 5.09
CA ILE A 124 -7.94 -22.12 6.37
C ILE A 124 -8.69 -20.80 6.55
N ILE A 125 -8.73 -19.97 5.50
CA ILE A 125 -9.48 -18.72 5.64
C ILE A 125 -10.97 -19.00 5.89
N ALA A 126 -11.48 -20.03 5.22
CA ALA A 126 -12.88 -20.42 5.38
C ALA A 126 -13.22 -21.15 6.67
N GLY A 127 -12.27 -21.44 7.55
CA GLY A 127 -12.54 -22.12 8.81
C GLY A 127 -12.63 -23.63 8.68
N LYS A 128 -12.35 -24.14 7.47
CA LYS A 128 -12.47 -25.56 7.19
C LYS A 128 -11.29 -26.40 7.62
N LYS A 129 -10.10 -25.79 7.68
CA LYS A 129 -8.89 -26.45 8.12
C LYS A 129 -8.24 -25.50 9.12
N PRO A 130 -7.56 -26.05 10.10
CA PRO A 130 -6.88 -25.23 11.08
C PRO A 130 -5.69 -24.57 10.39
N ALA A 131 -5.17 -23.49 10.99
CA ALA A 131 -4.07 -22.73 10.39
C ALA A 131 -2.80 -23.53 10.31
N THR A 132 -2.66 -24.53 11.19
CA THR A 132 -1.51 -25.43 11.18
C THR A 132 -1.47 -26.29 9.95
N ASP A 133 -2.50 -26.34 9.09
CA ASP A 133 -2.44 -27.09 7.85
C ASP A 133 -1.80 -26.24 6.74
N LEU A 134 -1.44 -24.99 7.02
CA LEU A 134 -0.85 -24.16 5.96
C LEU A 134 0.39 -24.81 5.36
N GLY A 135 0.61 -24.62 4.08
CA GLY A 135 1.74 -25.20 3.36
C GLY A 135 3.09 -24.57 3.65
N VAL A 136 3.49 -24.49 4.92
CA VAL A 136 4.78 -23.99 5.31
C VAL A 136 5.39 -24.96 6.33
N LYS A 137 6.70 -25.12 6.28
CA LYS A 137 7.36 -25.92 7.33
C LYS A 137 8.79 -25.44 7.54
N ALA A 138 9.27 -25.63 8.76
CA ALA A 138 10.65 -25.35 9.10
C ALA A 138 11.33 -26.72 8.92
N LEU A 139 12.24 -26.84 7.96
CA LEU A 139 12.90 -28.14 7.77
C LEU A 139 13.99 -28.29 8.84
N ASP A 140 14.47 -27.15 9.34
CA ASP A 140 15.39 -27.08 10.45
C ASP A 140 15.32 -25.66 10.99
N ASP A 141 16.09 -25.28 12.00
CA ASP A 141 15.98 -23.90 12.51
C ASP A 141 16.33 -22.87 11.43
N HIS A 142 17.13 -23.20 10.42
CA HIS A 142 17.53 -22.19 9.44
C HIS A 142 17.01 -22.45 8.05
N THR A 143 15.93 -23.23 7.93
CA THR A 143 15.42 -23.55 6.62
C THR A 143 13.91 -23.53 6.61
N PHE A 144 13.35 -22.60 5.82
CA PHE A 144 11.92 -22.41 5.71
C PHE A 144 11.47 -22.84 4.32
N GLU A 145 10.51 -23.78 4.28
CA GLU A 145 10.07 -24.32 2.99
C GLU A 145 8.62 -23.99 2.75
N VAL A 146 8.31 -23.41 1.59
CA VAL A 146 6.93 -23.02 1.30
C VAL A 146 6.43 -23.83 0.11
N THR A 147 5.22 -24.37 0.24
CA THR A 147 4.61 -25.18 -0.79
C THR A 147 3.35 -24.51 -1.33
N LEU A 148 3.37 -24.23 -2.64
CA LEU A 148 2.26 -23.60 -3.33
C LEU A 148 1.38 -24.62 -4.03
N SER A 149 0.11 -24.28 -4.25
CA SER A 149 -0.78 -25.19 -4.97
C SER A 149 -0.62 -25.09 -6.48
N GLU A 150 0.13 -24.13 -7.02
CA GLU A 150 0.34 -24.05 -8.47
C GLU A 150 1.57 -23.18 -8.67
N PRO A 151 2.22 -23.25 -9.81
CA PRO A 151 3.45 -22.53 -10.05
C PRO A 151 3.20 -21.02 -10.04
N VAL A 152 4.05 -20.33 -9.29
CA VAL A 152 4.02 -18.86 -9.21
C VAL A 152 5.44 -18.35 -9.41
N PRO A 153 5.83 -18.01 -10.64
CA PRO A 153 7.18 -17.59 -10.96
C PRO A 153 7.62 -16.33 -10.26
N TYR A 154 6.68 -15.44 -9.96
CA TYR A 154 6.94 -14.21 -9.23
C TYR A 154 6.73 -14.30 -7.73
N PHE A 155 6.54 -15.48 -7.12
CA PHE A 155 6.28 -15.61 -5.70
C PHE A 155 7.23 -14.88 -4.78
N TYR A 156 8.55 -15.00 -4.99
CA TYR A 156 9.53 -14.35 -4.14
C TYR A 156 9.35 -12.85 -4.10
N LYS A 157 8.82 -12.21 -5.17
CA LYS A 157 8.61 -10.75 -5.12
C LYS A 157 7.63 -10.33 -4.05
N LEU A 158 6.71 -11.22 -3.66
CA LEU A 158 5.73 -10.91 -2.63
C LEU A 158 6.36 -10.73 -1.26
N LEU A 159 7.50 -11.37 -1.01
CA LEU A 159 8.03 -11.52 0.33
C LEU A 159 8.63 -10.32 1.03
N VAL A 160 8.66 -9.15 0.39
CA VAL A 160 9.17 -7.96 1.08
C VAL A 160 8.09 -7.25 1.87
N HIS A 161 6.83 -7.64 1.79
CA HIS A 161 5.66 -7.01 2.40
C HIS A 161 5.54 -7.27 3.87
N PRO A 162 5.04 -6.32 4.68
CA PRO A 162 4.98 -6.46 6.12
C PRO A 162 4.15 -7.64 6.57
N SER A 163 3.11 -8.01 5.84
CA SER A 163 2.25 -9.12 6.29
C SER A 163 2.98 -10.44 6.39
N VAL A 164 4.09 -10.63 5.68
CA VAL A 164 4.83 -11.90 5.77
C VAL A 164 6.13 -11.74 6.55
N SER A 165 6.20 -10.70 7.36
CA SER A 165 7.30 -10.52 8.31
C SER A 165 6.99 -11.39 9.54
N PRO A 166 8.03 -11.76 10.27
CA PRO A 166 7.86 -12.56 11.48
C PRO A 166 7.40 -11.74 12.65
N VAL A 167 6.66 -12.38 13.55
CA VAL A 167 6.24 -11.74 14.79
C VAL A 167 6.72 -12.71 15.90
N PRO A 168 7.05 -12.16 17.06
CA PRO A 168 7.60 -12.96 18.17
C PRO A 168 6.49 -13.64 18.95
N LYS A 169 6.34 -14.94 18.79
CA LYS A 169 5.31 -15.71 19.45
C LYS A 169 5.25 -15.52 20.96
N SER A 170 6.38 -15.52 21.64
CA SER A 170 6.35 -15.41 23.11
C SER A 170 5.72 -14.09 23.55
N ALA A 171 6.05 -12.98 22.89
CA ALA A 171 5.46 -11.70 23.27
C ALA A 171 3.99 -11.61 22.93
N VAL A 172 3.63 -12.10 21.72
CA VAL A 172 2.26 -12.11 21.27
C VAL A 172 1.38 -12.84 22.29
N GLU A 173 1.83 -14.04 22.63
CA GLU A 173 1.05 -14.87 23.54
C GLU A 173 0.96 -14.34 24.96
N LYS A 174 2.07 -13.82 25.47
CA LYS A 174 2.07 -13.31 26.83
C LYS A 174 1.35 -11.97 27.00
N PHE A 175 1.44 -11.07 26.01
CA PHE A 175 0.84 -9.75 26.14
C PHE A 175 -0.38 -9.48 25.28
N GLY A 176 -0.72 -10.38 24.36
CA GLY A 176 -1.90 -10.19 23.52
C GLY A 176 -1.80 -8.90 22.73
N ASP A 177 -2.84 -8.06 22.74
CA ASP A 177 -2.80 -6.82 21.99
C ASP A 177 -1.82 -5.76 22.48
N LYS A 178 -1.19 -5.91 23.64
CA LYS A 178 -0.21 -4.96 24.12
C LYS A 178 1.23 -5.41 23.86
N TRP A 179 1.42 -6.44 23.06
CA TRP A 179 2.73 -6.96 22.70
C TRP A 179 3.56 -5.90 21.98
N THR A 180 2.92 -4.99 21.24
CA THR A 180 3.67 -3.92 20.56
C THR A 180 4.01 -2.71 21.41
N GLN A 181 3.66 -2.69 22.71
CA GLN A 181 4.08 -1.55 23.54
C GLN A 181 5.59 -1.61 23.71
N PRO A 182 6.26 -0.49 23.85
CA PRO A 182 7.71 -0.44 23.98
C PRO A 182 8.25 -1.39 25.03
N ALA A 183 7.61 -1.54 26.20
CA ALA A 183 8.11 -2.45 27.21
C ALA A 183 7.99 -3.92 26.85
N ASN A 184 7.13 -4.30 25.92
CA ASN A 184 6.89 -5.67 25.58
C ASN A 184 7.39 -6.14 24.21
N ILE A 185 7.44 -5.22 23.27
CA ILE A 185 7.77 -5.55 21.88
C ILE A 185 9.17 -6.09 21.71
N VAL A 186 9.33 -6.97 20.75
CA VAL A 186 10.59 -7.58 20.33
C VAL A 186 10.62 -7.50 18.79
N THR A 187 11.71 -7.00 18.22
CA THR A 187 11.76 -6.77 16.77
C THR A 187 13.01 -7.36 16.12
N ASN A 188 13.01 -7.59 14.81
CA ASN A 188 14.15 -8.20 14.15
C ASN A 188 14.67 -7.35 12.99
N GLY A 189 14.13 -6.14 12.86
CA GLY A 189 14.66 -5.25 11.82
C GLY A 189 15.85 -4.44 12.34
N ALA A 190 16.27 -3.42 11.56
CA ALA A 190 17.42 -2.61 11.92
C ALA A 190 17.16 -1.76 13.16
N TYR A 191 15.90 -1.50 13.50
CA TYR A 191 15.53 -0.67 14.62
C TYR A 191 14.65 -1.38 15.65
N LYS A 192 14.54 -0.74 16.82
CA LYS A 192 13.73 -1.20 17.92
C LYS A 192 12.84 -0.03 18.31
N LEU A 193 11.73 -0.35 18.96
CA LEU A 193 10.82 0.72 19.35
C LEU A 193 11.27 1.32 20.69
N LYS A 194 11.49 2.62 20.70
CA LYS A 194 11.87 3.32 21.91
C LYS A 194 10.67 3.98 22.56
N ASN A 195 9.90 4.78 21.84
CA ASN A 195 8.75 5.47 22.43
C ASN A 195 7.59 5.46 21.42
N TRP A 196 6.38 5.48 21.94
CA TRP A 196 5.19 5.54 21.11
C TRP A 196 4.14 6.38 21.87
N VAL A 197 3.97 7.62 21.43
CA VAL A 197 3.00 8.53 22.00
C VAL A 197 1.94 8.72 20.91
N VAL A 198 0.77 8.17 21.16
CA VAL A 198 -0.33 8.29 20.18
C VAL A 198 -0.59 9.74 19.82
N ASN A 199 -0.66 10.01 18.51
CA ASN A 199 -0.92 11.30 17.93
C ASN A 199 0.19 12.30 18.21
N GLU A 200 1.39 11.81 18.54
CA GLU A 200 2.49 12.73 18.78
C GLU A 200 3.73 12.25 18.05
N ARG A 201 4.25 11.07 18.42
CA ARG A 201 5.42 10.57 17.76
C ARG A 201 5.67 9.08 18.02
N ILE A 202 6.42 8.51 17.09
CA ILE A 202 6.94 7.15 17.20
C ILE A 202 8.46 7.30 17.07
N VAL A 203 9.20 6.88 18.09
CA VAL A 203 10.65 7.03 18.02
C VAL A 203 11.30 5.63 18.02
N LEU A 204 12.15 5.37 17.04
CA LEU A 204 12.83 4.09 16.91
C LEU A 204 14.32 4.30 17.19
N GLU A 205 14.98 3.31 17.78
CA GLU A 205 16.42 3.43 17.99
C GLU A 205 17.08 2.19 17.38
N ARG A 206 18.30 2.38 16.96
CA ARG A 206 19.07 1.29 16.35
C ARG A 206 18.97 -0.01 17.14
N ASN A 207 18.84 -1.13 16.44
CA ASN A 207 18.77 -2.46 17.08
C ASN A 207 20.13 -3.10 16.92
N PRO A 208 20.91 -3.16 18.00
CA PRO A 208 22.27 -3.71 17.94
C PRO A 208 22.34 -5.18 17.62
N GLN A 209 21.26 -5.93 17.80
CA GLN A 209 21.21 -7.35 17.46
C GLN A 209 20.93 -7.59 15.99
N TYR A 210 20.52 -6.55 15.24
CA TYR A 210 20.25 -6.75 13.82
C TYR A 210 21.51 -7.32 13.17
N TRP A 211 21.37 -8.36 12.36
CA TRP A 211 22.48 -8.97 11.68
C TRP A 211 23.30 -8.01 10.83
N ASP A 212 22.67 -7.02 10.20
CA ASP A 212 23.44 -6.10 9.37
C ASP A 212 23.67 -4.76 10.06
N ASN A 213 23.61 -4.75 11.39
CA ASN A 213 23.81 -3.55 12.20
C ASN A 213 25.06 -2.75 11.90
N ALA A 214 26.19 -3.40 11.61
CA ALA A 214 27.42 -2.67 11.31
C ALA A 214 27.26 -1.67 10.17
N LYS A 215 26.36 -1.89 9.21
CA LYS A 215 26.12 -0.97 8.11
C LYS A 215 24.99 0.04 8.39
N THR A 216 24.28 -0.08 9.49
CA THR A 216 23.28 0.93 9.83
C THR A 216 23.99 2.21 10.24
N VAL A 217 23.48 3.36 9.81
CA VAL A 217 24.12 4.63 10.13
C VAL A 217 23.24 5.50 11.01
N ILE A 218 21.95 5.62 10.68
CA ILE A 218 21.05 6.46 11.49
C ILE A 218 20.82 5.80 12.83
N ASN A 219 21.03 6.51 13.95
CA ASN A 219 20.87 5.88 15.25
C ASN A 219 19.46 5.98 15.79
N GLN A 220 18.71 6.97 15.31
CA GLN A 220 17.35 7.18 15.81
C GLN A 220 16.51 7.81 14.69
N VAL A 221 15.30 7.32 14.53
CA VAL A 221 14.40 7.94 13.56
C VAL A 221 13.07 8.16 14.28
N THR A 222 12.50 9.33 14.06
CA THR A 222 11.18 9.65 14.61
C THR A 222 10.14 9.71 13.49
N TYR A 223 9.00 9.06 13.69
CA TYR A 223 7.93 9.13 12.68
C TYR A 223 6.82 9.99 13.25
N LEU A 224 6.40 11.08 12.60
CA LEU A 224 5.31 11.90 13.09
C LEU A 224 3.98 11.59 12.40
N PRO A 225 2.87 11.97 13.00
CA PRO A 225 1.54 11.65 12.48
C PRO A 225 0.75 12.84 11.95
N ILE A 226 1.42 13.74 11.24
CA ILE A 226 0.79 14.99 10.79
C ILE A 226 0.02 14.77 9.49
N SER A 227 -1.29 15.00 9.49
CA SER A 227 -2.08 14.77 8.27
C SER A 227 -2.30 16.04 7.48
N SER A 228 -1.93 17.20 8.05
CA SER A 228 -1.98 18.45 7.29
C SER A 228 -0.72 18.55 6.45
N GLU A 229 -0.85 18.54 5.13
CA GLU A 229 0.33 18.61 4.24
C GLU A 229 1.00 19.97 4.37
N VAL A 230 0.21 21.01 4.66
CA VAL A 230 0.80 22.34 4.86
C VAL A 230 1.69 22.38 6.09
N THR A 231 1.23 21.82 7.20
CA THR A 231 2.00 21.76 8.44
C THR A 231 3.25 20.93 8.29
N ASP A 232 3.10 19.81 7.56
CA ASP A 232 4.29 18.97 7.28
C ASP A 232 5.33 19.82 6.56
N VAL A 233 4.95 20.48 5.46
CA VAL A 233 5.92 21.34 4.77
C VAL A 233 6.46 22.41 5.71
N ASN A 234 5.57 23.05 6.48
CA ASN A 234 6.05 24.10 7.38
C ASN A 234 7.08 23.59 8.37
N ARG A 235 6.85 22.43 9.00
CA ARG A 235 7.80 21.91 9.98
C ARG A 235 9.04 21.35 9.31
N TYR A 236 8.97 21.00 8.03
CA TYR A 236 10.15 20.64 7.26
C TYR A 236 10.95 21.92 7.03
N ARG A 237 10.32 23.00 6.58
CA ARG A 237 11.08 24.22 6.28
C ARG A 237 11.56 24.93 7.53
N SER A 238 10.96 24.69 8.69
CA SER A 238 11.43 25.30 9.94
C SER A 238 12.67 24.59 10.47
N GLY A 239 12.97 23.39 9.95
CA GLY A 239 14.11 22.60 10.39
C GLY A 239 13.74 21.36 11.19
N GLU A 240 12.49 21.24 11.64
CA GLU A 240 12.16 20.04 12.46
C GLU A 240 12.15 18.73 11.68
N ILE A 241 11.60 18.74 10.47
CA ILE A 241 11.40 17.52 9.69
C ILE A 241 12.42 17.40 8.57
N ASP A 242 13.05 16.24 8.45
CA ASP A 242 14.03 15.99 7.41
C ASP A 242 13.40 15.43 6.14
N MET A 243 12.31 14.64 6.29
CA MET A 243 11.63 14.08 5.12
C MET A 243 10.12 14.25 5.31
N THR A 244 9.42 14.95 4.42
CA THR A 244 7.97 15.05 4.60
C THR A 244 7.36 13.67 4.25
N TYR A 245 6.06 13.59 4.51
CA TYR A 245 5.28 12.44 4.07
C TYR A 245 5.07 12.72 2.58
N ASN A 246 4.65 11.73 1.79
CA ASN A 246 4.50 11.97 0.37
C ASN A 246 3.09 12.32 -0.08
N ASN A 247 2.47 13.28 0.60
CA ASN A 247 1.23 13.92 0.19
C ASN A 247 1.63 15.42 0.13
N MET A 248 1.57 16.08 -1.00
CA MET A 248 2.03 17.48 -1.04
C MET A 248 0.84 18.44 -1.10
N PRO A 249 0.92 19.56 -0.41
CA PRO A 249 -0.19 20.52 -0.35
C PRO A 249 -0.39 21.31 -1.64
N ILE A 250 -1.64 21.42 -2.07
CA ILE A 250 -1.97 22.20 -3.27
C ILE A 250 -1.63 23.65 -3.06
N GLU A 251 -1.77 24.17 -1.83
CA GLU A 251 -1.44 25.55 -1.57
C GLU A 251 0.00 25.96 -1.91
N LEU A 252 0.98 25.12 -1.59
CA LEU A 252 2.38 25.46 -1.69
C LEU A 252 3.21 24.76 -2.75
N PHE A 253 2.78 23.67 -3.37
CA PHE A 253 3.63 22.92 -4.27
C PHE A 253 4.29 23.70 -5.40
N GLN A 254 3.51 24.50 -6.13
CA GLN A 254 4.14 25.23 -7.25
C GLN A 254 5.25 26.15 -6.72
N LYS A 255 5.05 26.85 -5.61
CA LYS A 255 6.06 27.71 -5.03
C LYS A 255 7.26 26.91 -4.55
N LEU A 256 7.03 25.73 -3.94
CA LEU A 256 8.19 24.93 -3.51
C LEU A 256 9.06 24.51 -4.67
N LYS A 257 8.49 24.19 -5.83
CA LYS A 257 9.28 23.84 -7.00
C LYS A 257 10.17 25.01 -7.45
N LYS A 258 9.67 26.22 -7.25
CA LYS A 258 10.49 27.37 -7.66
C LYS A 258 11.48 27.75 -6.56
N GLU A 259 11.12 27.56 -5.31
CA GLU A 259 11.99 27.94 -4.21
C GLU A 259 13.02 26.91 -3.81
N ILE A 260 12.71 25.61 -3.81
CA ILE A 260 13.71 24.62 -3.41
C ILE A 260 13.64 23.41 -4.33
N PRO A 261 13.84 23.64 -5.63
CA PRO A 261 13.75 22.61 -6.63
C PRO A 261 14.51 21.34 -6.31
N ASN A 262 15.72 21.45 -5.81
CA ASN A 262 16.53 20.27 -5.51
C ASN A 262 16.00 19.43 -4.35
N GLU A 263 15.14 19.97 -3.52
CA GLU A 263 14.57 19.22 -2.40
C GLU A 263 13.22 18.59 -2.74
N VAL A 264 12.61 19.08 -3.82
CA VAL A 264 11.30 18.59 -4.24
C VAL A 264 11.57 17.34 -5.08
N ARG A 265 11.30 16.16 -4.52
CA ARG A 265 11.57 14.93 -5.24
C ARG A 265 10.26 14.41 -5.86
N VAL A 266 10.27 14.20 -7.17
CA VAL A 266 9.13 13.69 -7.90
C VAL A 266 9.57 12.52 -8.77
N ASP A 267 9.07 11.30 -8.48
CA ASP A 267 9.46 10.09 -9.21
C ASP A 267 8.28 9.18 -9.47
N PRO A 268 8.48 8.18 -10.31
CA PRO A 268 7.42 7.24 -10.65
C PRO A 268 6.92 6.52 -9.41
N TYR A 269 5.66 6.17 -9.38
CA TYR A 269 5.10 5.52 -8.19
C TYR A 269 3.98 4.60 -8.64
N LEU A 270 3.99 3.35 -8.19
CA LEU A 270 2.97 2.41 -8.64
C LEU A 270 1.72 2.44 -7.78
N CYS A 271 0.99 3.57 -7.85
CA CYS A 271 -0.22 3.71 -7.04
C CYS A 271 -1.30 4.35 -7.90
N THR A 272 -2.54 4.10 -7.56
CA THR A 272 -3.65 4.68 -8.32
C THR A 272 -4.55 5.38 -7.32
N TYR A 273 -4.95 6.60 -7.65
CA TYR A 273 -5.90 7.37 -6.87
C TYR A 273 -7.27 7.13 -7.51
N TYR A 274 -8.28 6.77 -6.73
CA TYR A 274 -9.60 6.54 -7.34
C TYR A 274 -10.69 6.79 -6.32
N TYR A 275 -11.94 6.81 -6.78
CA TYR A 275 -13.05 6.89 -5.84
C TYR A 275 -13.62 5.47 -5.78
N GLU A 276 -13.52 4.89 -4.59
CA GLU A 276 -13.99 3.56 -4.26
C GLU A 276 -15.51 3.61 -4.02
N ILE A 277 -16.24 2.91 -4.89
CA ILE A 277 -17.71 2.84 -4.74
C ILE A 277 -18.04 1.61 -3.93
N ASN A 278 -19.01 1.73 -3.01
CA ASN A 278 -19.43 0.54 -2.26
C ASN A 278 -20.41 -0.21 -3.18
N ASN A 279 -19.90 -1.26 -3.83
CA ASN A 279 -20.71 -1.95 -4.85
C ASN A 279 -21.93 -2.69 -4.34
N GLN A 280 -22.00 -2.98 -3.06
CA GLN A 280 -23.11 -3.71 -2.48
C GLN A 280 -24.21 -2.85 -1.90
N LYS A 281 -24.10 -1.54 -1.99
CA LYS A 281 -25.11 -0.69 -1.38
C LYS A 281 -25.89 0.11 -2.41
N ALA A 282 -27.21 -0.05 -2.37
CA ALA A 282 -28.08 0.68 -3.27
C ALA A 282 -27.90 2.16 -2.96
N PRO A 283 -27.88 2.99 -3.97
CA PRO A 283 -28.08 2.61 -5.35
C PRO A 283 -26.81 2.31 -6.13
N PHE A 284 -25.70 2.13 -5.43
CA PHE A 284 -24.41 1.90 -6.09
C PHE A 284 -24.27 0.48 -6.62
N ASN A 285 -25.26 -0.38 -6.41
CA ASN A 285 -25.28 -1.72 -6.95
C ASN A 285 -25.83 -1.68 -8.38
N ASP A 286 -26.18 -0.51 -8.89
CA ASP A 286 -26.64 -0.33 -10.25
C ASP A 286 -25.46 0.13 -11.10
N VAL A 287 -25.11 -0.62 -12.14
CA VAL A 287 -23.98 -0.22 -13.00
C VAL A 287 -24.16 1.13 -13.65
N ARG A 288 -25.40 1.57 -13.96
CA ARG A 288 -25.59 2.87 -14.58
C ARG A 288 -25.17 4.00 -13.66
N VAL A 289 -25.43 3.85 -12.37
CA VAL A 289 -25.02 4.85 -11.38
C VAL A 289 -23.50 4.88 -11.29
N ARG A 290 -22.84 3.72 -11.14
CA ARG A 290 -21.37 3.76 -11.06
C ARG A 290 -20.77 4.31 -12.35
N THR A 291 -21.29 3.86 -13.50
CA THR A 291 -20.78 4.34 -14.79
C THR A 291 -20.92 5.83 -14.94
N ALA A 292 -22.06 6.40 -14.53
CA ALA A 292 -22.26 7.85 -14.60
C ALA A 292 -21.23 8.61 -13.80
N LEU A 293 -21.03 8.17 -12.55
CA LEU A 293 -20.03 8.79 -11.69
C LEU A 293 -18.63 8.69 -12.33
N LYS A 294 -18.31 7.52 -12.87
CA LYS A 294 -17.00 7.34 -13.50
C LYS A 294 -16.79 8.30 -14.65
N LEU A 295 -17.80 8.39 -15.54
CA LEU A 295 -17.64 9.24 -16.72
C LEU A 295 -17.70 10.72 -16.44
N ALA A 296 -18.57 11.13 -15.51
CA ALA A 296 -18.74 12.58 -15.30
C ALA A 296 -17.59 13.24 -14.59
N LEU A 297 -16.73 12.46 -13.91
CA LEU A 297 -15.57 13.08 -13.25
C LEU A 297 -14.62 13.53 -14.36
N ASP A 298 -14.15 14.76 -14.31
CA ASP A 298 -13.26 15.32 -15.31
C ASP A 298 -11.82 15.18 -14.83
N ARG A 299 -11.13 14.15 -15.30
CA ARG A 299 -9.75 13.91 -14.87
C ARG A 299 -8.78 14.99 -15.26
N ASP A 300 -8.93 15.59 -16.44
CA ASP A 300 -8.05 16.67 -16.86
C ASP A 300 -8.10 17.83 -15.86
N ILE A 301 -9.29 18.22 -15.42
CA ILE A 301 -9.44 19.30 -14.45
C ILE A 301 -8.74 18.96 -13.12
N ILE A 302 -8.98 17.77 -12.62
CA ILE A 302 -8.38 17.33 -11.36
C ILE A 302 -6.87 17.28 -11.47
N VAL A 303 -6.38 16.53 -12.47
CA VAL A 303 -4.94 16.37 -12.63
C VAL A 303 -4.15 17.59 -13.04
N ASN A 304 -4.62 18.31 -14.05
CA ASN A 304 -3.88 19.47 -14.57
C ASN A 304 -4.24 20.80 -13.97
N LYS A 305 -5.48 20.98 -13.55
CA LYS A 305 -5.89 22.27 -12.98
C LYS A 305 -5.88 22.26 -11.47
N VAL A 306 -6.56 21.33 -10.82
CA VAL A 306 -6.62 21.33 -9.36
C VAL A 306 -5.33 20.92 -8.66
N LYS A 307 -4.85 19.73 -8.92
CA LYS A 307 -3.64 19.21 -8.27
C LYS A 307 -2.38 19.70 -8.96
N ASN A 308 -2.21 19.42 -10.24
CA ASN A 308 -1.06 19.84 -11.00
C ASN A 308 0.31 19.60 -10.38
N GLN A 309 0.59 18.33 -10.05
CA GLN A 309 1.84 17.91 -9.46
C GLN A 309 2.51 16.83 -10.32
N GLY A 310 2.03 16.60 -11.54
CA GLY A 310 2.63 15.63 -12.43
C GLY A 310 1.94 14.27 -12.52
N ASP A 311 0.81 14.08 -11.85
CA ASP A 311 0.07 12.83 -11.92
C ASP A 311 -0.53 12.63 -13.31
N LEU A 312 -0.86 11.40 -13.64
CA LEU A 312 -1.45 11.12 -14.97
C LEU A 312 -2.88 10.63 -14.85
N PRO A 313 -3.78 11.14 -15.69
CA PRO A 313 -5.18 10.77 -15.70
C PRO A 313 -5.32 9.26 -15.86
N ALA A 314 -6.20 8.67 -15.07
CA ALA A 314 -6.34 7.21 -15.05
C ALA A 314 -7.61 6.67 -15.65
N TYR A 315 -7.45 5.50 -16.30
CA TYR A 315 -8.62 4.85 -16.90
C TYR A 315 -8.67 3.39 -16.45
N SER A 316 -7.81 3.03 -15.48
CA SER A 316 -7.76 1.66 -14.96
C SER A 316 -7.41 1.65 -13.47
N TYR A 317 -7.43 0.48 -12.87
CA TYR A 317 -7.05 0.26 -11.47
C TYR A 317 -5.55 0.00 -11.40
N THR A 318 -5.10 -1.05 -12.11
CA THR A 318 -3.66 -1.30 -12.20
C THR A 318 -2.97 -0.17 -12.97
N PRO A 319 -1.89 0.41 -12.45
CA PRO A 319 -1.13 1.42 -13.17
C PRO A 319 -0.56 0.80 -14.43
N PRO A 320 -0.63 1.47 -15.58
CA PRO A 320 -0.16 0.91 -16.84
C PRO A 320 1.33 0.63 -16.94
N TYR A 321 2.14 1.18 -16.08
CA TYR A 321 3.58 0.99 -16.07
C TYR A 321 4.03 -0.05 -15.06
N THR A 322 3.06 -0.78 -14.48
CA THR A 322 3.36 -1.92 -13.62
C THR A 322 4.07 -2.96 -14.51
N ASP A 323 5.04 -3.65 -13.97
CA ASP A 323 5.79 -4.67 -14.71
C ASP A 323 4.85 -5.77 -15.14
N GLY A 324 4.58 -5.91 -16.44
CA GLY A 324 3.65 -6.94 -16.88
C GLY A 324 2.29 -6.38 -17.31
N ALA A 325 2.10 -5.07 -17.15
CA ALA A 325 0.87 -4.44 -17.56
C ALA A 325 0.97 -4.01 -19.03
N LYS A 326 0.00 -4.46 -19.81
CA LYS A 326 -0.12 -4.10 -21.22
C LYS A 326 -1.61 -3.83 -21.43
N LEU A 327 -2.04 -2.71 -20.83
CA LEU A 327 -3.47 -2.42 -20.78
C LEU A 327 -4.06 -1.74 -22.00
N VAL A 328 -5.34 -2.06 -22.26
CA VAL A 328 -6.04 -1.44 -23.39
C VAL A 328 -6.82 -0.23 -22.87
N GLU A 329 -6.56 0.94 -23.41
CA GLU A 329 -7.24 2.17 -23.01
C GLU A 329 -8.64 2.18 -23.56
N PRO A 330 -9.65 2.25 -22.70
CA PRO A 330 -11.04 2.23 -23.14
C PRO A 330 -11.40 3.41 -24.02
N GLU A 331 -12.42 3.24 -24.88
CA GLU A 331 -12.82 4.31 -25.79
C GLU A 331 -13.34 5.55 -25.10
N TRP A 332 -14.06 5.38 -23.99
CA TRP A 332 -14.56 6.48 -23.18
C TRP A 332 -13.46 7.43 -22.73
N PHE A 333 -12.21 6.96 -22.57
CA PHE A 333 -11.13 7.82 -22.14
C PHE A 333 -10.68 8.81 -23.21
N LYS A 334 -10.90 8.51 -24.47
CA LYS A 334 -10.55 9.35 -25.61
C LYS A 334 -11.71 10.28 -26.00
N TRP A 335 -12.90 10.04 -25.46
CA TRP A 335 -14.01 10.94 -25.77
C TRP A 335 -13.77 12.32 -25.17
N SER A 336 -14.62 13.27 -25.57
CA SER A 336 -14.52 14.61 -25.00
C SER A 336 -15.18 14.50 -23.61
N GLN A 337 -14.92 15.44 -22.72
CA GLN A 337 -15.62 15.42 -21.43
C GLN A 337 -17.10 15.71 -21.61
N GLN A 338 -17.48 16.47 -22.65
CA GLN A 338 -18.90 16.75 -22.87
C GLN A 338 -19.65 15.49 -23.26
N LYS A 339 -19.02 14.65 -24.10
CA LYS A 339 -19.58 13.38 -24.52
C LYS A 339 -19.69 12.46 -23.32
N ARG A 340 -18.66 12.47 -22.45
CA ARG A 340 -18.77 11.70 -21.21
C ARG A 340 -19.93 12.21 -20.36
N ASN A 341 -20.08 13.52 -20.22
CA ASN A 341 -21.17 14.07 -19.41
C ASN A 341 -22.54 13.68 -19.91
N GLU A 342 -22.78 13.77 -21.22
CA GLU A 342 -24.10 13.40 -21.78
C GLU A 342 -24.42 11.95 -21.53
N GLU A 343 -23.42 11.06 -21.76
CA GLU A 343 -23.63 9.64 -21.48
C GLU A 343 -23.97 9.42 -20.01
N ALA A 344 -23.24 10.10 -19.12
CA ALA A 344 -23.47 10.03 -17.68
C ALA A 344 -24.88 10.46 -17.28
N LYS A 345 -25.31 11.63 -17.74
CA LYS A 345 -26.66 12.13 -17.47
C LYS A 345 -27.73 11.21 -18.03
N LYS A 346 -27.53 10.64 -19.21
CA LYS A 346 -28.45 9.67 -19.81
C LYS A 346 -28.58 8.44 -18.94
N LEU A 347 -27.45 7.90 -18.46
CA LEU A 347 -27.50 6.75 -17.58
C LEU A 347 -28.16 7.02 -16.23
N LEU A 348 -27.89 8.16 -15.63
CA LEU A 348 -28.52 8.50 -14.36
C LEU A 348 -30.02 8.67 -14.57
N ALA A 349 -30.41 9.34 -15.65
CA ALA A 349 -31.82 9.50 -15.99
C ALA A 349 -32.47 8.13 -16.18
N GLU A 350 -31.80 7.18 -16.82
CA GLU A 350 -32.30 5.82 -16.95
C GLU A 350 -32.44 5.14 -15.60
N ALA A 351 -31.56 5.46 -14.64
CA ALA A 351 -31.63 4.84 -13.32
C ALA A 351 -32.67 5.44 -12.38
N GLY A 352 -33.43 6.43 -12.83
CA GLY A 352 -34.46 7.03 -12.03
C GLY A 352 -34.17 8.38 -11.41
N PHE A 353 -33.02 9.02 -11.64
CA PHE A 353 -32.77 10.31 -11.00
C PHE A 353 -33.20 11.50 -11.83
N THR A 354 -33.79 12.51 -11.17
CA THR A 354 -34.31 13.72 -11.78
C THR A 354 -33.87 14.96 -11.04
N ALA A 355 -34.25 16.16 -11.50
CA ALA A 355 -33.90 17.35 -10.74
C ALA A 355 -34.62 17.36 -9.40
N ASP A 356 -35.85 16.86 -9.37
CA ASP A 356 -36.68 16.82 -8.18
C ASP A 356 -36.29 15.72 -7.22
N LYS A 357 -35.66 14.67 -7.73
CA LYS A 357 -35.17 13.57 -6.91
C LYS A 357 -33.77 13.17 -7.39
N PRO A 358 -32.80 14.03 -7.08
CA PRO A 358 -31.43 13.83 -7.52
C PRO A 358 -30.73 12.75 -6.71
N LEU A 359 -29.53 12.41 -7.17
CA LEU A 359 -28.73 11.40 -6.47
C LEU A 359 -27.89 12.16 -5.43
N THR A 360 -28.03 11.72 -4.18
CA THR A 360 -27.30 12.37 -3.10
C THR A 360 -26.62 11.31 -2.25
N PHE A 361 -25.33 11.50 -1.98
CA PHE A 361 -24.60 10.49 -1.20
C PHE A 361 -23.37 11.07 -0.53
N ASP A 362 -22.74 10.26 0.32
CA ASP A 362 -21.56 10.72 1.05
C ASP A 362 -20.23 10.49 0.32
N LEU A 363 -19.27 11.38 0.53
CA LEU A 363 -17.94 11.21 -0.06
C LEU A 363 -16.98 11.24 1.15
N LEU A 364 -16.50 10.05 1.48
CA LEU A 364 -15.66 9.86 2.65
C LEU A 364 -14.19 9.96 2.32
N TYR A 365 -13.42 10.65 3.17
CA TYR A 365 -11.99 10.72 2.91
C TYR A 365 -11.24 10.76 4.24
N ASN A 366 -9.97 10.37 4.19
CA ASN A 366 -9.14 10.47 5.41
C ASN A 366 -8.67 11.91 5.54
N THR A 367 -8.81 12.45 6.75
CA THR A 367 -8.43 13.80 7.12
C THR A 367 -7.12 14.20 6.44
N SER A 368 -7.17 15.27 5.64
CA SER A 368 -6.02 15.68 4.83
C SER A 368 -6.42 16.92 4.05
N ASP A 369 -5.52 17.86 3.91
CA ASP A 369 -5.81 19.06 3.15
C ASP A 369 -5.87 18.74 1.67
N LEU A 370 -4.94 17.93 1.16
CA LEU A 370 -4.96 17.45 -0.20
C LEU A 370 -6.23 16.67 -0.53
N HIS A 371 -6.63 15.68 0.30
CA HIS A 371 -7.82 14.90 -0.05
C HIS A 371 -9.08 15.77 0.06
N LYS A 372 -9.10 16.72 0.97
CA LYS A 372 -10.27 17.61 1.08
C LYS A 372 -10.40 18.47 -0.19
N LYS A 373 -9.30 19.11 -0.59
CA LYS A 373 -9.31 19.91 -1.82
C LYS A 373 -9.74 19.09 -3.02
N LEU A 374 -9.23 17.86 -3.18
CA LEU A 374 -9.68 16.99 -4.28
C LEU A 374 -11.15 16.62 -4.16
N ALA A 375 -11.61 16.28 -2.96
CA ALA A 375 -13.02 15.94 -2.82
C ALA A 375 -13.95 17.14 -3.10
N ILE A 376 -13.54 18.32 -2.68
CA ILE A 376 -14.35 19.53 -2.96
C ILE A 376 -14.45 19.72 -4.48
N ALA A 377 -13.32 19.56 -5.18
CA ALA A 377 -13.32 19.66 -6.65
C ALA A 377 -14.21 18.63 -7.31
N VAL A 378 -14.13 17.37 -6.86
CA VAL A 378 -14.91 16.28 -7.38
C VAL A 378 -16.39 16.54 -7.12
N ALA A 379 -16.68 17.04 -5.92
CA ALA A 379 -18.06 17.42 -5.60
C ALA A 379 -18.63 18.47 -6.56
N SER A 380 -17.87 19.51 -6.86
CA SER A 380 -18.29 20.59 -7.75
C SER A 380 -18.43 20.09 -9.18
N ILE A 381 -17.46 19.27 -9.60
CA ILE A 381 -17.53 18.70 -10.95
C ILE A 381 -18.74 17.80 -11.14
N TRP A 382 -19.01 16.93 -10.18
CA TRP A 382 -20.15 16.03 -10.24
C TRP A 382 -21.46 16.80 -10.17
N LYS A 383 -21.47 17.87 -9.40
CA LYS A 383 -22.67 18.73 -9.31
C LYS A 383 -22.90 19.41 -10.65
N LYS A 384 -21.90 20.05 -11.20
CA LYS A 384 -21.98 20.76 -12.46
C LYS A 384 -22.30 19.86 -13.64
N ASN A 385 -21.56 18.77 -13.78
CA ASN A 385 -21.65 17.88 -14.90
C ASN A 385 -22.78 16.88 -14.86
N LEU A 386 -23.18 16.49 -13.65
CA LEU A 386 -24.14 15.40 -13.55
C LEU A 386 -25.34 15.70 -12.70
N GLY A 387 -25.37 16.83 -12.00
CA GLY A 387 -26.47 17.17 -11.11
C GLY A 387 -26.55 16.32 -9.86
N VAL A 388 -25.42 15.78 -9.37
CA VAL A 388 -25.43 14.98 -8.16
C VAL A 388 -24.90 15.79 -6.98
N ASN A 389 -25.41 15.46 -5.80
CA ASN A 389 -25.03 16.16 -4.58
C ASN A 389 -24.25 15.20 -3.67
N VAL A 390 -23.20 15.77 -3.09
CA VAL A 390 -22.36 14.93 -2.21
C VAL A 390 -22.16 15.64 -0.88
N ASN A 391 -22.17 14.88 0.19
CA ASN A 391 -21.88 15.28 1.55
C ASN A 391 -20.47 14.79 1.89
N LEU A 392 -19.53 15.74 1.99
CA LEU A 392 -18.16 15.36 2.30
C LEU A 392 -18.03 14.99 3.78
N GLU A 393 -17.25 13.95 4.08
CA GLU A 393 -17.00 13.54 5.44
C GLU A 393 -15.52 13.12 5.61
N ASN A 394 -14.87 13.63 6.66
CA ASN A 394 -13.49 13.21 6.91
C ASN A 394 -13.47 12.31 8.14
N GLN A 395 -12.55 11.33 8.12
CA GLN A 395 -12.32 10.43 9.24
C GLN A 395 -10.83 10.22 9.42
N GLU A 396 -10.30 10.10 10.65
CA GLU A 396 -8.87 9.83 10.77
C GLU A 396 -8.53 8.52 10.05
N TRP A 397 -7.30 8.37 9.57
CA TRP A 397 -6.88 7.18 8.83
C TRP A 397 -7.31 5.84 9.36
N LYS A 398 -7.02 5.47 10.61
CA LYS A 398 -7.41 4.12 11.11
C LYS A 398 -8.91 3.89 11.04
N THR A 399 -9.69 4.90 11.42
CA THR A 399 -11.15 4.81 11.39
C THR A 399 -11.65 4.69 9.96
N PHE A 400 -11.07 5.49 9.07
CA PHE A 400 -11.42 5.45 7.64
C PHE A 400 -11.26 4.06 7.04
N LEU A 401 -10.17 3.36 7.34
CA LEU A 401 -9.95 2.04 6.75
C LEU A 401 -10.97 1.05 7.32
N ASP A 402 -11.21 1.13 8.62
CA ASP A 402 -12.19 0.27 9.27
C ASP A 402 -13.57 0.48 8.65
N THR A 403 -13.99 1.74 8.45
CA THR A 403 -15.25 2.04 7.78
C THR A 403 -15.39 1.36 6.43
N ARG A 404 -14.35 1.43 5.60
CA ARG A 404 -14.40 0.84 4.27
C ARG A 404 -14.49 -0.68 4.38
N HIS A 405 -13.74 -1.28 5.29
CA HIS A 405 -13.87 -2.72 5.48
C HIS A 405 -15.27 -3.09 5.95
N GLN A 406 -15.85 -2.27 6.84
CA GLN A 406 -17.20 -2.55 7.31
C GLN A 406 -18.27 -2.39 6.24
N GLY A 407 -17.98 -1.62 5.19
CA GLY A 407 -18.95 -1.32 4.15
C GLY A 407 -19.93 -0.30 4.74
N THR A 408 -19.53 0.57 5.70
CA THR A 408 -20.51 1.55 6.18
C THR A 408 -20.27 2.89 5.47
N PHE A 409 -20.37 2.81 4.13
CA PHE A 409 -20.12 3.98 3.33
C PHE A 409 -20.82 3.92 1.98
N ASP A 410 -20.76 5.04 1.27
CA ASP A 410 -21.31 5.16 -0.08
C ASP A 410 -20.15 5.17 -1.06
N VAL A 411 -19.44 6.28 -1.09
CA VAL A 411 -18.26 6.47 -1.91
C VAL A 411 -17.12 6.96 -1.00
N ALA A 412 -15.89 6.50 -1.26
CA ALA A 412 -14.75 6.91 -0.49
C ALA A 412 -13.54 7.21 -1.40
N ARG A 413 -12.78 8.25 -1.04
CA ARG A 413 -11.54 8.46 -1.83
C ARG A 413 -10.67 7.22 -1.53
N ALA A 414 -9.66 6.98 -2.35
CA ALA A 414 -8.84 5.80 -2.09
C ALA A 414 -7.57 5.82 -2.91
N GLY A 415 -6.54 5.23 -2.32
CA GLY A 415 -5.30 5.03 -3.02
C GLY A 415 -4.88 3.55 -2.81
N TRP A 416 -4.38 2.93 -3.88
CA TRP A 416 -3.84 1.56 -3.70
C TRP A 416 -2.41 1.62 -4.30
N CYS A 417 -1.39 1.24 -3.54
CA CYS A 417 -0.03 1.18 -4.03
C CYS A 417 0.41 -0.30 -4.09
N ALA A 418 1.18 -0.63 -5.10
CA ALA A 418 1.64 -2.02 -5.25
C ALA A 418 2.41 -2.52 -4.04
N ASP A 419 2.24 -3.82 -3.76
CA ASP A 419 2.98 -4.51 -2.71
C ASP A 419 4.13 -5.27 -3.36
N TYR A 420 3.91 -5.63 -4.62
CA TYR A 420 4.94 -6.28 -5.44
C TYR A 420 4.69 -5.77 -6.86
N ASN A 421 5.74 -5.66 -7.66
CA ASN A 421 5.59 -5.08 -8.99
C ASN A 421 5.12 -6.09 -10.03
N GLU A 422 3.82 -6.33 -10.03
CA GLU A 422 3.20 -7.33 -10.93
C GLU A 422 1.72 -7.01 -10.87
N PRO A 423 0.98 -7.07 -11.97
CA PRO A 423 -0.41 -6.68 -11.97
C PRO A 423 -1.31 -7.32 -10.95
N THR A 424 -1.06 -8.56 -10.56
CA THR A 424 -1.94 -9.17 -9.53
C THR A 424 -1.84 -8.48 -8.17
N SER A 425 -0.81 -7.72 -7.87
CA SER A 425 -0.75 -6.95 -6.63
C SER A 425 -1.93 -5.99 -6.57
N PHE A 426 -2.38 -5.48 -7.74
CA PHE A 426 -3.62 -4.74 -7.76
C PHE A 426 -4.83 -5.67 -7.97
N LEU A 427 -4.80 -6.48 -9.04
CA LEU A 427 -5.98 -7.26 -9.42
C LEU A 427 -6.50 -8.23 -8.38
N ASN A 428 -5.65 -8.84 -7.57
CA ASN A 428 -6.13 -9.79 -6.58
C ASN A 428 -7.01 -9.15 -5.50
N THR A 429 -6.85 -7.82 -5.33
CA THR A 429 -7.66 -7.14 -4.33
C THR A 429 -9.12 -6.98 -4.77
N MET A 430 -9.45 -7.22 -6.03
CA MET A 430 -10.83 -7.15 -6.47
C MET A 430 -11.48 -8.54 -6.57
N LEU A 431 -10.76 -9.59 -6.22
CA LEU A 431 -11.35 -10.93 -6.20
C LEU A 431 -12.47 -10.97 -5.18
N SER A 432 -13.58 -11.65 -5.48
CA SER A 432 -14.73 -11.70 -4.57
C SER A 432 -14.42 -11.90 -3.10
N ASP A 433 -13.59 -12.89 -2.78
CA ASP A 433 -13.24 -13.25 -1.43
C ASP A 433 -11.97 -12.61 -0.89
N SER A 434 -11.39 -11.63 -1.56
CA SER A 434 -10.19 -11.00 -1.04
C SER A 434 -10.42 -10.23 0.25
N SER A 435 -9.54 -10.39 1.23
CA SER A 435 -9.59 -9.61 2.46
C SER A 435 -9.30 -8.14 2.21
N ASN A 436 -8.74 -7.76 1.04
CA ASN A 436 -8.50 -6.37 0.66
C ASN A 436 -9.64 -5.79 -0.18
N ASN A 437 -10.75 -6.55 -0.33
CA ASN A 437 -11.81 -6.03 -1.20
C ASN A 437 -12.77 -5.10 -0.48
N THR A 438 -12.38 -3.83 -0.37
CA THR A 438 -13.17 -2.77 0.24
C THR A 438 -14.13 -2.16 -0.78
N ALA A 439 -13.99 -2.54 -2.06
CA ALA A 439 -14.96 -2.10 -3.04
C ALA A 439 -16.23 -2.95 -2.88
N HIS A 440 -16.15 -4.09 -2.23
CA HIS A 440 -17.24 -5.02 -2.03
C HIS A 440 -17.81 -5.47 -3.37
N TYR A 441 -16.86 -5.68 -4.30
CA TYR A 441 -17.14 -6.07 -5.66
C TYR A 441 -17.00 -7.57 -5.79
N LYS A 442 -18.00 -8.20 -6.41
CA LYS A 442 -18.00 -9.65 -6.57
C LYS A 442 -18.41 -10.00 -7.99
N SER A 443 -17.42 -10.40 -8.78
CA SER A 443 -17.62 -10.77 -10.16
C SER A 443 -16.98 -12.11 -10.48
N PRO A 444 -17.84 -13.13 -10.69
CA PRO A 444 -17.40 -14.46 -11.07
C PRO A 444 -16.55 -14.41 -12.33
N ALA A 445 -16.93 -13.60 -13.30
CA ALA A 445 -16.19 -13.42 -14.54
C ALA A 445 -14.77 -12.89 -14.28
N PHE A 446 -14.70 -11.81 -13.48
CA PHE A 446 -13.39 -11.29 -13.08
C PHE A 446 -12.61 -12.33 -12.29
N ASP A 447 -13.19 -13.03 -11.32
CA ASP A 447 -12.44 -14.05 -10.56
C ASP A 447 -11.81 -15.09 -11.47
N LYS A 448 -12.59 -15.53 -12.46
CA LYS A 448 -12.17 -16.53 -13.42
C LYS A 448 -11.01 -16.07 -14.28
N LEU A 449 -11.04 -14.83 -14.78
CA LEU A 449 -9.92 -14.30 -15.56
C LEU A 449 -8.63 -14.35 -14.78
N ILE A 450 -8.67 -13.92 -13.51
CA ILE A 450 -7.45 -13.95 -12.70
C ILE A 450 -6.99 -15.36 -12.35
N ALA A 451 -7.94 -16.26 -12.09
CA ALA A 451 -7.65 -17.66 -11.78
C ALA A 451 -6.94 -18.30 -12.98
N ASP A 452 -7.35 -17.91 -14.19
CA ASP A 452 -6.69 -18.42 -15.39
C ASP A 452 -5.26 -17.97 -15.58
N THR A 453 -4.80 -16.87 -15.01
CA THR A 453 -3.48 -16.35 -15.21
C THR A 453 -2.32 -17.25 -14.79
N LEU A 454 -2.49 -18.14 -13.84
CA LEU A 454 -1.43 -19.04 -13.40
C LEU A 454 -1.72 -20.47 -13.87
N LYS A 455 -2.72 -20.59 -14.74
CA LYS A 455 -3.06 -21.91 -15.30
C LYS A 455 -2.28 -22.07 -16.60
N VAL A 456 -2.00 -20.94 -17.23
CA VAL A 456 -1.16 -20.87 -18.41
C VAL A 456 0.27 -20.74 -17.91
N ALA A 457 1.26 -21.24 -18.64
CA ALA A 457 2.66 -21.13 -18.19
C ALA A 457 3.35 -20.14 -19.12
N ASP A 458 2.61 -19.09 -19.46
CA ASP A 458 3.06 -18.10 -20.43
C ASP A 458 2.81 -16.66 -20.02
N ASP A 459 3.82 -15.80 -20.17
CA ASP A 459 3.74 -14.41 -19.82
C ASP A 459 2.84 -13.54 -20.66
N THR A 460 2.85 -13.65 -21.98
CA THR A 460 2.04 -12.81 -22.86
C THR A 460 0.55 -13.10 -22.79
N GLN A 461 0.20 -14.38 -22.62
CA GLN A 461 -1.19 -14.75 -22.43
C GLN A 461 -1.62 -14.18 -21.07
N ARG A 462 -0.65 -14.17 -20.15
CA ARG A 462 -0.91 -13.68 -18.80
C ARG A 462 -1.20 -12.18 -18.84
N SER A 463 -0.45 -11.41 -19.59
CA SER A 463 -0.68 -9.97 -19.73
C SER A 463 -2.02 -9.71 -20.41
N GLU A 464 -2.40 -10.55 -21.38
CA GLU A 464 -3.69 -10.38 -22.05
C GLU A 464 -4.84 -10.61 -21.08
N LEU A 465 -4.74 -11.59 -20.21
CA LEU A 465 -5.76 -11.86 -19.20
C LEU A 465 -5.86 -10.70 -18.21
N TYR A 466 -4.72 -10.15 -17.78
CA TYR A 466 -4.77 -8.99 -16.87
C TYR A 466 -5.53 -7.85 -17.55
N ALA A 467 -5.22 -7.61 -18.84
CA ALA A 467 -5.88 -6.58 -19.61
C ALA A 467 -7.39 -6.84 -19.69
N LYS A 468 -7.79 -8.10 -19.92
CA LYS A 468 -9.22 -8.43 -19.97
C LYS A 468 -9.85 -8.28 -18.59
N ALA A 469 -9.13 -8.63 -17.52
CA ALA A 469 -9.63 -8.43 -16.17
C ALA A 469 -9.88 -6.95 -15.94
N GLU A 470 -8.95 -6.08 -16.38
CA GLU A 470 -9.17 -4.64 -16.22
C GLU A 470 -10.39 -4.21 -17.05
N GLN A 471 -10.56 -4.75 -18.27
CA GLN A 471 -11.73 -4.41 -19.07
C GLN A 471 -13.01 -4.84 -18.38
N GLN A 472 -13.00 -5.97 -17.66
CA GLN A 472 -14.19 -6.44 -16.95
C GLN A 472 -14.51 -5.48 -15.80
N LEU A 473 -13.46 -5.09 -15.07
CA LEU A 473 -13.65 -4.12 -13.98
C LEU A 473 -14.22 -2.82 -14.52
N ASP A 474 -13.72 -2.31 -15.66
CA ASP A 474 -14.18 -1.11 -16.29
C ASP A 474 -15.61 -1.22 -16.79
N LYS A 475 -15.91 -2.36 -17.43
CA LYS A 475 -17.28 -2.61 -17.92
C LYS A 475 -18.27 -2.57 -16.78
N ASP A 476 -17.90 -3.03 -15.59
CA ASP A 476 -18.76 -3.01 -14.42
C ASP A 476 -18.67 -1.70 -13.66
N SER A 477 -17.71 -0.85 -13.97
CA SER A 477 -17.49 0.41 -13.30
C SER A 477 -17.42 0.15 -11.79
N ALA A 478 -16.57 -0.81 -11.41
CA ALA A 478 -16.37 -1.15 -10.01
C ALA A 478 -15.84 0.07 -9.27
N ILE A 479 -14.94 0.83 -9.91
CA ILE A 479 -14.36 2.00 -9.28
C ILE A 479 -14.45 3.22 -10.19
N VAL A 480 -14.02 4.37 -9.70
CA VAL A 480 -13.83 5.58 -10.46
C VAL A 480 -12.34 5.90 -10.45
N PRO A 481 -11.60 5.50 -11.47
CA PRO A 481 -10.20 5.83 -11.58
C PRO A 481 -10.02 7.32 -11.77
N VAL A 482 -9.03 7.89 -11.07
CA VAL A 482 -8.80 9.33 -11.15
C VAL A 482 -7.41 9.59 -11.73
N TYR A 483 -6.35 9.19 -11.03
CA TYR A 483 -5.04 9.40 -11.63
C TYR A 483 -4.03 8.34 -11.14
N TYR A 484 -2.97 8.20 -11.92
CA TYR A 484 -1.86 7.33 -11.46
C TYR A 484 -0.92 8.30 -10.75
N TYR A 485 -0.52 8.01 -9.52
CA TYR A 485 0.32 8.88 -8.76
C TYR A 485 1.75 9.06 -9.27
N VAL A 486 2.27 10.25 -8.96
CA VAL A 486 3.70 10.44 -8.97
C VAL A 486 4.04 10.47 -7.46
N ASN A 487 5.24 10.08 -7.11
CA ASN A 487 5.68 10.17 -5.72
C ASN A 487 6.30 11.55 -5.48
N ALA A 488 5.58 12.49 -4.87
CA ALA A 488 6.16 13.82 -4.62
C ALA A 488 6.35 14.07 -3.13
N ARG A 489 7.54 14.45 -2.72
CA ARG A 489 7.80 14.70 -1.30
C ARG A 489 9.00 15.63 -1.21
N LEU A 490 9.26 16.13 0.00
CA LEU A 490 10.43 16.99 0.16
C LEU A 490 11.47 16.21 0.97
N VAL A 491 12.74 16.26 0.60
CA VAL A 491 13.84 15.59 1.28
C VAL A 491 15.02 16.56 1.43
N LYS A 492 15.52 16.72 2.64
CA LYS A 492 16.59 17.72 2.89
C LYS A 492 17.82 17.28 2.12
N PRO A 493 18.63 18.23 1.68
CA PRO A 493 19.82 17.92 0.91
C PRO A 493 20.84 17.10 1.68
N TRP A 494 20.79 17.08 2.99
CA TRP A 494 21.74 16.32 3.80
C TRP A 494 21.26 14.90 4.06
N VAL A 495 20.08 14.51 3.58
CA VAL A 495 19.64 13.11 3.72
C VAL A 495 20.17 12.31 2.52
N GLY A 496 21.13 11.44 2.78
CA GLY A 496 21.69 10.58 1.73
C GLY A 496 21.04 9.20 1.71
N GLY A 497 21.11 8.55 0.54
CA GLY A 497 20.63 7.19 0.40
C GLY A 497 19.28 6.99 -0.25
N TYR A 498 18.58 8.09 -0.52
CA TYR A 498 17.25 7.98 -1.10
C TYR A 498 17.30 8.36 -2.59
N THR A 499 17.33 7.34 -3.44
CA THR A 499 17.44 7.47 -4.87
C THR A 499 16.18 8.02 -5.54
N GLY A 500 15.04 7.48 -5.13
CA GLY A 500 13.75 7.78 -5.75
C GLY A 500 13.52 6.81 -6.89
N LYS A 501 14.40 5.83 -7.08
CA LYS A 501 14.27 4.85 -8.15
C LYS A 501 13.28 3.74 -7.83
N ASP A 502 12.93 3.54 -6.57
CA ASP A 502 12.01 2.44 -6.24
C ASP A 502 10.58 2.89 -6.46
N PRO A 503 9.89 2.29 -7.43
CA PRO A 503 8.51 2.63 -7.75
C PRO A 503 7.49 2.17 -6.72
N LEU A 504 7.92 1.35 -5.78
CA LEU A 504 7.10 0.93 -4.66
C LEU A 504 7.45 1.81 -3.45
N ASP A 505 8.56 2.53 -3.47
CA ASP A 505 8.95 3.36 -2.33
C ASP A 505 9.04 2.61 -1.00
N ASN A 506 9.73 1.48 -1.05
CA ASN A 506 9.95 0.63 0.12
C ASN A 506 11.20 1.13 0.86
N ILE A 507 11.13 2.28 1.51
CA ILE A 507 12.32 2.85 2.17
C ILE A 507 12.64 2.13 3.46
N TYR A 508 13.93 1.91 3.69
CA TYR A 508 14.45 1.41 4.94
C TYR A 508 15.35 2.48 5.54
N VAL A 509 15.12 2.93 6.77
CA VAL A 509 15.99 3.95 7.38
C VAL A 509 17.40 3.42 7.62
N LYS A 510 17.60 2.11 7.67
CA LYS A 510 18.95 1.52 7.73
C LYS A 510 19.78 1.86 6.51
N ASN A 511 19.20 2.27 5.38
CA ASN A 511 19.92 2.62 4.18
C ASN A 511 20.26 4.10 4.08
N LEU A 512 19.78 4.92 5.00
CA LEU A 512 20.01 6.36 4.85
C LEU A 512 21.18 6.85 5.70
N TYR A 513 21.60 8.10 5.50
CA TYR A 513 22.68 8.65 6.33
C TYR A 513 22.57 10.18 6.31
N ILE A 514 23.03 10.83 7.38
CA ILE A 514 22.99 12.28 7.41
C ILE A 514 24.37 12.86 7.05
N ILE A 515 24.39 13.65 5.99
CA ILE A 515 25.63 14.28 5.51
C ILE A 515 25.89 15.51 6.40
N LYS A 516 27.14 15.76 6.75
CA LYS A 516 27.46 16.92 7.57
C LYS A 516 26.94 18.20 6.93
N HIS A 517 26.28 19.07 7.69
CA HIS A 517 25.75 20.30 7.14
C HIS A 517 25.68 21.40 8.19
N LYS B 1 -0.88 -1.94 -0.79
CA LYS B 1 -1.11 -1.27 0.53
C LYS B 1 -1.94 0.00 0.34
N ARG B 2 -2.71 0.37 1.34
CA ARG B 2 -3.55 1.53 1.33
C ARG B 2 -2.77 2.86 1.37
N LYS B 3 -3.23 3.77 0.51
CA LYS B 3 -2.70 5.13 0.50
C LYS B 3 -3.82 6.16 0.24
#